data_7ABP
#
_entry.id   7ABP
#
_cell.length_a   55.750
_cell.length_b   71.830
_cell.length_c   78.140
_cell.angle_alpha   90.00
_cell.angle_beta   90.00
_cell.angle_gamma   90.00
#
_symmetry.space_group_name_H-M   'P 21 21 21'
#
loop_
_entity.id
_entity.type
_entity.pdbx_description
1 polymer 'L-ARABINOSE-BINDING PROTEIN'
2 non-polymer alpha-D-fucopyranose
3 non-polymer beta-D-fucopyranose
4 water water
#
_entity_poly.entity_id   1
_entity_poly.type   'polypeptide(L)'
_entity_poly.pdbx_seq_one_letter_code
;ENLKLGFLVKQPEEPWFQTEWKFADKAGKDLGFEVIKIAVPDGEKTLNAIDSLAASGAKGFVICTPDPKLGSAIVAKARG
YDMKVIAVDDQFVNAKGKPMDTVPLVMLAATKIGERQGQELYKEMQKRGWDVKESAVMAITANELDTARRRTTGSMDALK
AAGFPEKQIYQVPTKSNDIPGAFDAANSMLVQHPEVKHWLIVGMNDSTVLGGVRATEGQGFKAADIIGIGINGVDAVSEL
SKAQATGFYGSLLPSPDVHGYKSSEMLYNWVAKDVEPPKFTEVTDVVLITRDNFKEELEKKGLGGK
;
_entity_poly.pdbx_strand_id   A
#
loop_
_chem_comp.id
_chem_comp.type
_chem_comp.name
_chem_comp.formula
FCA D-saccharide, alpha linking alpha-D-fucopyranose 'C6 H12 O5'
FCB D-saccharide, beta linking beta-D-fucopyranose 'C6 H12 O5'
#
# COMPACT_ATOMS: atom_id res chain seq x y z
N ASN A 2 13.66 -3.39 29.21
CA ASN A 2 14.61 -2.68 28.28
C ASN A 2 13.82 -1.51 27.63
N LEU A 3 14.35 -1.06 26.50
CA LEU A 3 13.71 0.07 25.80
C LEU A 3 12.47 -0.47 25.10
N LYS A 4 11.37 0.24 25.20
CA LYS A 4 10.14 -0.17 24.49
C LYS A 4 9.85 0.86 23.39
N LEU A 5 9.48 0.34 22.24
CA LEU A 5 9.21 1.26 21.09
C LEU A 5 7.88 0.79 20.48
N GLY A 6 7.02 1.72 20.01
CA GLY A 6 5.74 1.26 19.47
C GLY A 6 5.83 1.06 17.97
N PHE A 7 4.99 0.22 17.42
CA PHE A 7 4.84 0.09 15.96
C PHE A 7 3.31 0.00 15.77
N LEU A 8 2.77 1.16 15.32
CA LEU A 8 1.30 1.33 15.15
C LEU A 8 0.90 1.23 13.68
N VAL A 9 0.00 0.34 13.29
CA VAL A 9 -0.36 0.28 11.81
C VAL A 9 -1.83 0.42 11.63
N LYS A 10 -2.27 1.03 10.53
CA LYS A 10 -3.73 1.27 10.35
C LYS A 10 -4.52 0.00 9.98
N GLN A 11 -3.88 -0.98 9.32
CA GLN A 11 -4.56 -2.20 8.81
C GLN A 11 -3.83 -3.45 9.13
N PRO A 12 -3.90 -3.96 10.37
CA PRO A 12 -3.18 -5.14 10.78
C PRO A 12 -3.56 -6.37 9.97
N GLU A 13 -4.67 -6.30 9.29
CA GLU A 13 -5.13 -7.51 8.50
C GLU A 13 -4.39 -7.65 7.20
N GLU A 14 -3.68 -6.63 6.72
CA GLU A 14 -2.95 -6.80 5.50
C GLU A 14 -1.64 -7.45 5.75
N PRO A 15 -1.27 -8.44 4.92
CA PRO A 15 0.10 -9.03 5.02
C PRO A 15 1.17 -7.97 4.92
N TRP A 16 0.97 -6.89 4.10
CA TRP A 16 1.88 -5.73 4.06
C TRP A 16 2.24 -5.23 5.45
N PHE A 17 1.37 -4.95 6.39
CA PHE A 17 1.70 -4.46 7.72
C PHE A 17 2.20 -5.52 8.68
N GLN A 18 1.70 -6.71 8.45
CA GLN A 18 2.13 -7.91 9.22
C GLN A 18 3.62 -8.09 9.02
N THR A 19 4.06 -7.88 7.78
CA THR A 19 5.49 -7.98 7.40
C THR A 19 6.29 -6.84 8.01
N GLU A 20 5.72 -5.63 8.03
CA GLU A 20 6.45 -4.54 8.70
C GLU A 20 6.67 -4.92 10.15
N TRP A 21 5.60 -5.44 10.82
CA TRP A 21 5.72 -5.90 12.24
C TRP A 21 6.79 -6.98 12.39
N LYS A 22 6.84 -7.97 11.51
CA LYS A 22 7.88 -9.00 11.67
C LYS A 22 9.26 -8.39 11.58
N PHE A 23 9.47 -7.48 10.63
CA PHE A 23 10.89 -6.96 10.53
C PHE A 23 11.19 -5.96 11.60
N ALA A 24 10.21 -5.29 12.21
CA ALA A 24 10.51 -4.40 13.33
C ALA A 24 11.00 -5.24 14.49
N ASP A 25 10.39 -6.42 14.65
CA ASP A 25 10.79 -7.38 15.69
C ASP A 25 12.26 -7.77 15.45
N LYS A 26 12.63 -8.04 14.23
CA LYS A 26 14.05 -8.39 13.98
C LYS A 26 14.93 -7.24 14.40
N ALA A 27 14.57 -6.00 14.01
CA ALA A 27 15.41 -4.84 14.40
C ALA A 27 15.55 -4.84 15.93
N GLY A 28 14.41 -5.14 16.59
CA GLY A 28 14.42 -5.15 18.09
C GLY A 28 15.38 -6.16 18.66
N LYS A 29 15.37 -7.36 18.10
CA LYS A 29 16.27 -8.42 18.55
C LYS A 29 17.71 -7.97 18.26
N ASP A 30 17.97 -7.40 17.11
CA ASP A 30 19.33 -6.98 16.77
C ASP A 30 19.85 -5.84 17.63
N LEU A 31 19.00 -4.86 17.89
CA LEU A 31 19.44 -3.64 18.61
C LEU A 31 19.19 -3.63 20.11
N GLY A 32 18.38 -4.46 20.62
CA GLY A 32 18.01 -4.57 22.00
C GLY A 32 16.83 -3.68 22.44
N PHE A 33 15.67 -3.87 21.84
CA PHE A 33 14.46 -3.12 22.26
C PHE A 33 13.34 -4.11 21.99
N GLU A 34 12.29 -3.78 22.69
CA GLU A 34 11.00 -4.49 22.62
C GLU A 34 10.05 -3.69 21.74
N VAL A 35 9.31 -4.27 20.82
CA VAL A 35 8.38 -3.56 19.93
C VAL A 35 6.97 -3.76 20.44
N ILE A 36 6.24 -2.75 20.80
CA ILE A 36 4.84 -2.98 21.23
C ILE A 36 4.01 -2.90 19.94
N LYS A 37 3.34 -3.91 19.47
CA LYS A 37 2.60 -3.90 18.20
C LYS A 37 1.14 -3.51 18.42
N ILE A 38 0.70 -2.38 17.91
CA ILE A 38 -0.70 -1.92 18.11
C ILE A 38 -1.39 -1.60 16.83
N ALA A 39 -2.68 -1.98 16.75
CA ALA A 39 -3.50 -1.73 15.59
C ALA A 39 -4.19 -0.38 15.76
N VAL A 40 -4.16 0.51 14.82
CA VAL A 40 -4.83 1.84 14.99
C VAL A 40 -5.72 2.08 13.84
N PRO A 41 -6.80 1.34 13.68
CA PRO A 41 -7.66 1.51 12.53
C PRO A 41 -8.47 2.78 12.50
N ASP A 42 -8.58 3.63 13.49
CA ASP A 42 -9.37 4.88 13.32
C ASP A 42 -8.65 5.90 14.19
N GLY A 43 -9.07 7.14 14.16
CA GLY A 43 -8.43 8.20 14.93
C GLY A 43 -8.51 8.07 16.43
N GLU A 44 -9.64 7.58 16.94
CA GLU A 44 -9.78 7.45 18.37
C GLU A 44 -8.82 6.44 18.95
N LYS A 45 -8.77 5.33 18.22
CA LYS A 45 -7.87 4.25 18.71
C LYS A 45 -6.45 4.73 18.65
N THR A 46 -6.13 5.54 17.68
CA THR A 46 -4.79 6.09 17.45
C THR A 46 -4.37 6.91 18.64
N LEU A 47 -5.28 7.83 19.06
CA LEU A 47 -4.89 8.74 20.18
C LEU A 47 -4.84 8.00 21.49
N ASN A 48 -5.79 7.10 21.73
CA ASN A 48 -5.81 6.22 22.89
C ASN A 48 -4.57 5.34 22.96
N ALA A 49 -4.14 4.80 21.84
CA ALA A 49 -2.98 3.89 21.77
C ALA A 49 -1.73 4.63 22.22
N ILE A 50 -1.62 5.89 21.85
CA ILE A 50 -0.45 6.67 22.34
C ILE A 50 -0.40 6.85 23.83
N ASP A 51 -1.61 7.12 24.38
CA ASP A 51 -1.68 7.22 25.84
C ASP A 51 -1.22 5.90 26.43
N SER A 52 -1.63 4.80 25.80
CA SER A 52 -1.24 3.45 26.30
C SER A 52 0.26 3.26 26.22
N LEU A 53 0.86 3.62 25.09
CA LEU A 53 2.32 3.51 24.98
C LEU A 53 3.00 4.25 26.13
N ALA A 54 2.46 5.43 26.39
CA ALA A 54 3.06 6.28 27.49
C ALA A 54 2.97 5.59 28.84
N ALA A 55 1.87 4.92 29.17
CA ALA A 55 1.74 4.19 30.43
C ALA A 55 2.70 3.03 30.47
N SER A 56 3.10 2.47 29.36
CA SER A 56 4.01 1.33 29.26
C SER A 56 5.47 1.71 29.35
N GLY A 57 5.75 3.01 29.28
CA GLY A 57 7.13 3.43 29.32
C GLY A 57 7.80 3.57 27.96
N ALA A 58 7.10 3.44 26.86
CA ALA A 58 7.70 3.56 25.50
C ALA A 58 8.29 4.94 25.27
N LYS A 59 9.44 4.98 24.59
CA LYS A 59 10.17 6.19 24.30
C LYS A 59 9.83 6.78 22.93
N GLY A 60 9.12 6.04 22.09
CA GLY A 60 8.74 6.63 20.75
C GLY A 60 7.98 5.46 20.09
N PHE A 61 7.62 5.77 18.83
CA PHE A 61 6.91 4.82 17.99
C PHE A 61 6.98 5.17 16.52
N VAL A 62 6.83 4.12 15.72
CA VAL A 62 6.66 4.19 14.28
C VAL A 62 5.13 4.13 14.03
N ILE A 63 4.64 4.83 13.03
CA ILE A 63 3.19 4.78 12.84
C ILE A 63 2.77 4.95 11.41
N CYS A 64 1.82 4.07 11.01
CA CYS A 64 1.18 4.24 9.68
C CYS A 64 -0.25 4.68 10.04
N THR A 65 -0.49 5.96 10.06
CA THR A 65 -1.82 6.50 10.49
C THR A 65 -2.98 6.13 9.64
N PRO A 66 -4.16 5.94 10.28
CA PRO A 66 -5.37 5.63 9.53
C PRO A 66 -5.86 6.88 8.80
N ASP A 67 -5.33 8.04 9.20
CA ASP A 67 -5.75 9.31 8.59
C ASP A 67 -4.63 10.34 8.54
N PRO A 68 -4.16 10.75 7.42
CA PRO A 68 -3.05 11.73 7.37
C PRO A 68 -3.35 12.98 8.15
N LYS A 69 -4.67 13.35 8.19
CA LYS A 69 -5.04 14.62 8.86
C LYS A 69 -4.93 14.53 10.34
N LEU A 70 -4.74 13.38 11.01
CA LEU A 70 -4.47 13.31 12.44
C LEU A 70 -3.03 13.69 12.79
N GLY A 71 -2.18 14.06 11.83
CA GLY A 71 -0.78 14.37 12.10
C GLY A 71 -0.52 15.36 13.19
N SER A 72 -1.25 16.50 13.14
CA SER A 72 -1.03 17.50 14.23
C SER A 72 -1.23 16.92 15.59
N ALA A 73 -2.35 16.20 15.72
CA ALA A 73 -2.75 15.61 16.98
C ALA A 73 -1.72 14.58 17.44
N ILE A 74 -1.25 13.75 16.54
CA ILE A 74 -0.29 12.74 16.96
C ILE A 74 0.97 13.41 17.48
N VAL A 75 1.43 14.44 16.77
CA VAL A 75 2.64 15.17 17.16
C VAL A 75 2.42 15.85 18.53
N ALA A 76 1.31 16.52 18.72
CA ALA A 76 1.03 17.19 19.99
C ALA A 76 1.10 16.20 21.12
N LYS A 77 0.44 15.05 21.02
CA LYS A 77 0.43 14.06 22.09
C LYS A 77 1.80 13.47 22.34
N ALA A 78 2.49 13.14 21.19
CA ALA A 78 3.78 12.56 21.41
C ALA A 78 4.68 13.56 22.14
N ARG A 79 4.64 14.81 21.75
CA ARG A 79 5.53 15.83 22.37
C ARG A 79 5.22 15.85 23.88
N GLY A 80 3.97 15.82 24.26
CA GLY A 80 3.56 15.86 25.66
C GLY A 80 4.19 14.71 26.43
N TYR A 81 4.44 13.58 25.69
CA TYR A 81 5.02 12.49 26.45
C TYR A 81 6.53 12.35 26.23
N ASP A 82 7.17 13.27 25.54
CA ASP A 82 8.66 13.15 25.27
C ASP A 82 8.97 11.88 24.47
N MET A 83 8.13 11.64 23.49
CA MET A 83 8.26 10.50 22.58
C MET A 83 8.69 10.89 21.20
N LYS A 84 9.60 10.19 20.52
CA LYS A 84 9.96 10.52 19.16
C LYS A 84 9.00 9.74 18.23
N VAL A 85 8.61 10.30 17.14
CA VAL A 85 7.74 9.69 16.15
C VAL A 85 8.39 9.68 14.77
N ILE A 86 8.16 8.50 14.10
CA ILE A 86 8.57 8.32 12.70
C ILE A 86 7.34 7.88 11.92
N ALA A 87 7.02 8.40 10.79
CA ALA A 87 5.89 7.97 9.99
C ALA A 87 6.32 6.92 9.00
N VAL A 88 5.50 5.88 8.80
CA VAL A 88 5.89 4.89 7.74
C VAL A 88 4.71 4.86 6.76
N ASP A 89 4.89 4.81 5.52
CA ASP A 89 4.01 4.68 4.38
C ASP A 89 3.14 5.88 4.12
N ASP A 90 2.31 6.36 5.01
CA ASP A 90 1.34 7.43 4.82
C ASP A 90 1.81 8.71 5.50
N GLN A 91 2.03 9.73 4.71
CA GLN A 91 2.52 11.02 5.29
C GLN A 91 1.43 11.83 6.00
N PHE A 92 1.88 12.43 7.08
CA PHE A 92 1.05 13.36 7.88
C PHE A 92 0.82 14.62 7.04
N VAL A 93 -0.35 15.19 7.16
CA VAL A 93 -0.64 16.44 6.44
C VAL A 93 -1.31 17.37 7.44
N ASN A 94 -1.19 18.67 7.16
CA ASN A 94 -1.90 19.60 8.11
C ASN A 94 -3.38 19.63 7.75
N ALA A 95 -4.09 20.53 8.42
CA ALA A 95 -5.52 20.76 8.19
C ALA A 95 -5.87 20.99 6.74
N LYS A 96 -5.06 21.84 6.12
CA LYS A 96 -5.16 22.21 4.71
C LYS A 96 -4.78 21.09 3.77
N GLY A 97 -4.15 20.00 4.21
CA GLY A 97 -3.83 18.93 3.21
C GLY A 97 -2.36 19.02 2.80
N LYS A 98 -1.63 19.94 3.35
CA LYS A 98 -0.20 20.07 3.08
C LYS A 98 0.65 19.19 4.00
N PRO A 99 1.70 18.55 3.47
CA PRO A 99 2.62 17.68 4.14
C PRO A 99 3.30 18.16 5.38
N MET A 100 3.33 17.46 6.46
CA MET A 100 4.09 17.90 7.63
C MET A 100 5.50 17.40 7.33
N ASP A 101 6.24 18.12 6.57
CA ASP A 101 7.59 17.73 6.15
C ASP A 101 8.57 17.52 7.27
N THR A 102 8.31 17.94 8.48
CA THR A 102 9.20 17.84 9.63
C THR A 102 9.25 16.54 10.38
N VAL A 103 8.28 15.68 10.12
CA VAL A 103 8.21 14.35 10.70
C VAL A 103 8.96 13.40 9.74
N PRO A 104 9.92 12.70 10.23
CA PRO A 104 10.65 11.76 9.35
C PRO A 104 9.63 10.78 8.75
N LEU A 105 9.86 10.46 7.46
CA LEU A 105 8.94 9.55 6.77
C LEU A 105 9.76 8.47 6.03
N VAL A 106 9.24 7.24 6.11
CA VAL A 106 9.87 6.15 5.31
C VAL A 106 8.79 5.68 4.30
N MET A 107 8.97 5.69 3.04
CA MET A 107 7.85 5.25 2.16
C MET A 107 8.39 4.74 0.81
N LEU A 108 7.48 4.10 0.07
CA LEU A 108 7.90 3.62 -1.25
C LEU A 108 7.78 4.79 -2.22
N ALA A 109 8.34 4.61 -3.40
CA ALA A 109 8.34 5.59 -4.49
C ALA A 109 7.01 5.49 -5.22
N ALA A 110 5.93 6.03 -4.76
CA ALA A 110 4.56 5.96 -5.20
C ALA A 110 4.34 6.29 -6.67
N THR A 111 4.76 7.42 -7.15
CA THR A 111 4.60 7.69 -8.57
C THR A 111 5.30 6.64 -9.44
N LYS A 112 6.55 6.36 -9.15
CA LYS A 112 7.33 5.43 -9.93
C LYS A 112 6.67 4.01 -9.90
N ILE A 113 6.13 3.62 -8.74
CA ILE A 113 5.55 2.25 -8.77
C ILE A 113 4.22 2.24 -9.49
N GLY A 114 3.48 3.37 -9.46
CA GLY A 114 2.24 3.51 -10.19
C GLY A 114 2.54 3.39 -11.68
N GLU A 115 3.59 4.17 -12.07
CA GLU A 115 3.97 4.12 -13.51
C GLU A 115 4.35 2.70 -13.93
N ARG A 116 5.04 1.96 -13.14
CA ARG A 116 5.42 0.54 -13.48
C ARG A 116 4.18 -0.29 -13.61
N GLN A 117 3.20 -0.06 -12.73
CA GLN A 117 1.89 -0.78 -12.84
C GLN A 117 1.29 -0.55 -14.23
N GLY A 118 1.18 0.69 -14.71
CA GLY A 118 0.57 0.95 -16.04
C GLY A 118 1.36 0.38 -17.20
N GLN A 119 2.72 0.41 -17.10
CA GLN A 119 3.58 -0.10 -18.13
C GLN A 119 3.28 -1.61 -18.24
N GLU A 120 3.28 -2.30 -17.08
CA GLU A 120 2.96 -3.78 -17.09
C GLU A 120 1.54 -4.06 -17.49
N LEU A 121 0.54 -3.33 -17.17
CA LEU A 121 -0.82 -3.50 -17.67
C LEU A 121 -0.84 -3.46 -19.20
N TYR A 122 -0.18 -2.44 -19.80
CA TYR A 122 -0.18 -2.27 -21.23
C TYR A 122 0.52 -3.40 -21.96
N LYS A 123 1.65 -3.81 -21.38
CA LYS A 123 2.42 -4.92 -22.00
C LYS A 123 1.59 -6.18 -21.99
N GLU A 124 0.97 -6.51 -20.86
CA GLU A 124 0.18 -7.79 -20.81
C GLU A 124 -0.96 -7.61 -21.76
N MET A 125 -1.58 -6.46 -21.85
CA MET A 125 -2.68 -6.24 -22.81
C MET A 125 -2.25 -6.54 -24.22
N GLN A 126 -1.07 -6.00 -24.54
CA GLN A 126 -0.50 -6.19 -25.92
C GLN A 126 -0.29 -7.69 -26.18
N LYS A 127 0.28 -8.37 -25.22
CA LYS A 127 0.50 -9.82 -25.32
C LYS A 127 -0.74 -10.60 -25.63
N ARG A 128 -1.91 -10.21 -25.09
CA ARG A 128 -3.17 -10.90 -25.29
C ARG A 128 -3.86 -10.55 -26.60
N GLY A 129 -3.48 -9.49 -27.27
CA GLY A 129 -3.96 -8.94 -28.51
C GLY A 129 -5.33 -8.28 -28.48
N TRP A 130 -5.68 -7.67 -27.33
CA TRP A 130 -7.01 -7.06 -27.24
C TRP A 130 -7.21 -5.89 -28.20
N ASP A 131 -8.34 -5.77 -28.80
CA ASP A 131 -8.61 -4.62 -29.67
C ASP A 131 -8.82 -3.43 -28.71
N VAL A 132 -8.07 -2.41 -28.86
CA VAL A 132 -8.18 -1.23 -27.99
C VAL A 132 -9.59 -0.66 -28.05
N LYS A 133 -10.22 -0.79 -29.19
CA LYS A 133 -11.55 -0.18 -29.33
C LYS A 133 -12.54 -0.76 -28.37
N GLU A 134 -12.31 -2.04 -27.98
CA GLU A 134 -13.34 -2.55 -27.03
C GLU A 134 -12.79 -2.77 -25.65
N SER A 135 -11.74 -2.11 -25.28
CA SER A 135 -11.02 -2.25 -24.02
C SER A 135 -11.27 -1.01 -23.16
N ALA A 136 -11.10 -1.08 -21.88
CA ALA A 136 -11.25 0.18 -21.07
C ALA A 136 -10.43 -0.02 -19.81
N VAL A 137 -10.03 1.02 -19.13
CA VAL A 137 -9.31 1.05 -17.88
C VAL A 137 -10.30 1.42 -16.79
N MET A 138 -10.42 0.69 -15.75
CA MET A 138 -11.26 1.00 -14.59
C MET A 138 -10.20 1.43 -13.53
N ALA A 139 -10.24 2.70 -13.11
CA ALA A 139 -9.27 3.19 -12.12
C ALA A 139 -10.06 3.36 -10.82
N ILE A 140 -9.72 2.58 -9.78
CA ILE A 140 -10.44 2.67 -8.50
C ILE A 140 -9.59 3.58 -7.63
N THR A 141 -10.10 4.79 -7.34
CA THR A 141 -9.22 5.72 -6.60
C THR A 141 -9.54 6.06 -5.18
N ALA A 142 -8.51 6.45 -4.44
CA ALA A 142 -8.62 6.86 -3.03
C ALA A 142 -7.94 8.24 -3.02
N ASN A 143 -8.53 9.22 -3.70
CA ASN A 143 -7.78 10.48 -3.90
C ASN A 143 -7.49 11.31 -2.66
N GLU A 144 -8.18 11.04 -1.57
CA GLU A 144 -7.86 11.84 -0.31
C GLU A 144 -6.54 11.39 0.27
N LEU A 145 -5.99 10.20 -0.05
CA LEU A 145 -4.72 9.75 0.44
C LEU A 145 -3.66 9.93 -0.64
N ASP A 146 -2.70 10.81 -0.42
CA ASP A 146 -1.65 11.19 -1.34
C ASP A 146 -0.89 10.01 -1.95
N THR A 147 -0.48 9.13 -1.03
CA THR A 147 0.29 7.96 -1.58
C THR A 147 -0.52 7.08 -2.56
N ALA A 148 -1.78 6.92 -2.30
CA ALA A 148 -2.72 6.14 -3.16
C ALA A 148 -2.91 6.85 -4.50
N ARG A 149 -3.13 8.19 -4.40
CA ARG A 149 -3.31 9.09 -5.50
C ARG A 149 -2.07 9.20 -6.36
N ARG A 150 -0.88 9.27 -5.86
CA ARG A 150 0.30 9.28 -6.77
C ARG A 150 0.39 7.93 -7.51
N ARG A 151 0.06 6.81 -6.88
CA ARG A 151 0.14 5.53 -7.56
C ARG A 151 -0.92 5.49 -8.65
N THR A 152 -2.18 5.76 -8.46
CA THR A 152 -3.17 5.61 -9.56
C THR A 152 -2.96 6.67 -10.65
N THR A 153 -2.58 7.88 -10.27
CA THR A 153 -2.28 8.88 -11.32
C THR A 153 -1.11 8.41 -12.16
N GLY A 154 -0.06 7.89 -11.49
CA GLY A 154 1.13 7.40 -12.16
C GLY A 154 0.76 6.32 -13.17
N SER A 155 -0.09 5.39 -12.76
CA SER A 155 -0.53 4.27 -13.64
C SER A 155 -1.33 4.79 -14.81
N MET A 156 -2.31 5.70 -14.54
CA MET A 156 -3.08 6.27 -15.67
C MET A 156 -2.12 7.04 -16.54
N ASP A 157 -1.16 7.78 -16.00
CA ASP A 157 -0.23 8.57 -16.86
C ASP A 157 0.54 7.66 -17.77
N ALA A 158 1.00 6.56 -17.27
CA ALA A 158 1.79 5.58 -18.01
C ALA A 158 0.96 4.96 -19.13
N LEU A 159 -0.26 4.65 -18.85
CA LEU A 159 -1.10 4.04 -19.88
C LEU A 159 -1.32 5.02 -21.04
N LYS A 160 -1.63 6.26 -20.62
CA LYS A 160 -1.81 7.34 -21.62
C LYS A 160 -0.50 7.51 -22.41
N ALA A 161 0.65 7.51 -21.77
CA ALA A 161 1.92 7.67 -22.48
C ALA A 161 2.08 6.49 -23.47
N ALA A 162 1.70 5.30 -23.14
CA ALA A 162 1.83 4.11 -24.03
C ALA A 162 0.78 4.21 -25.14
N GLY A 163 -0.12 5.16 -25.12
CA GLY A 163 -1.10 5.27 -26.20
C GLY A 163 -2.46 4.74 -25.86
N PHE A 164 -2.79 4.48 -24.64
CA PHE A 164 -4.19 3.97 -24.37
C PHE A 164 -5.08 5.18 -24.47
N PRO A 165 -6.16 5.15 -25.24
CA PRO A 165 -6.99 6.31 -25.38
C PRO A 165 -7.44 6.92 -24.10
N GLU A 166 -7.22 8.20 -23.83
CA GLU A 166 -7.73 8.81 -22.63
C GLU A 166 -9.20 8.77 -22.37
N LYS A 167 -10.04 8.76 -23.42
CA LYS A 167 -11.48 8.76 -23.20
C LYS A 167 -11.93 7.37 -22.79
N GLN A 168 -11.04 6.39 -22.79
CA GLN A 168 -11.56 5.05 -22.35
C GLN A 168 -10.98 4.74 -21.00
N ILE A 169 -10.67 5.75 -20.19
CA ILE A 169 -10.13 5.59 -18.82
C ILE A 169 -11.22 6.05 -17.86
N TYR A 170 -11.83 5.18 -17.10
CA TYR A 170 -12.95 5.58 -16.22
C TYR A 170 -12.52 5.44 -14.76
N GLN A 171 -12.75 6.48 -13.95
CA GLN A 171 -12.33 6.54 -12.57
C GLN A 171 -13.57 6.47 -11.70
N VAL A 172 -13.40 5.81 -10.57
CA VAL A 172 -14.49 5.62 -9.61
C VAL A 172 -13.80 5.62 -8.22
N PRO A 173 -14.33 6.37 -7.31
CA PRO A 173 -13.85 6.49 -5.93
C PRO A 173 -14.29 5.30 -5.12
N THR A 174 -13.40 4.88 -4.21
CA THR A 174 -13.76 3.75 -3.35
C THR A 174 -13.87 4.37 -1.96
N LYS A 175 -14.85 3.91 -1.19
CA LYS A 175 -15.02 4.41 0.17
C LYS A 175 -14.09 3.79 1.15
N SER A 176 -13.52 2.60 0.88
CA SER A 176 -12.59 2.03 1.91
C SER A 176 -11.50 1.37 1.10
N ASN A 177 -10.29 1.29 1.62
CA ASN A 177 -9.20 0.69 0.86
C ASN A 177 -9.15 -0.81 1.15
N ASP A 178 -10.07 -1.57 0.73
CA ASP A 178 -10.17 -3.02 0.98
C ASP A 178 -11.00 -3.61 -0.16
N ILE A 179 -11.22 -4.89 -0.08
CA ILE A 179 -12.00 -5.60 -1.12
C ILE A 179 -13.44 -5.14 -1.16
N PRO A 180 -14.09 -5.16 -0.04
CA PRO A 180 -15.51 -4.69 -0.06
C PRO A 180 -15.64 -3.31 -0.62
N GLY A 181 -14.84 -2.31 -0.32
CA GLY A 181 -15.03 -0.98 -0.89
C GLY A 181 -14.77 -0.97 -2.36
N ALA A 182 -13.69 -1.61 -2.82
CA ALA A 182 -13.36 -1.63 -4.27
C ALA A 182 -14.36 -2.39 -5.07
N PHE A 183 -14.92 -3.43 -4.49
CA PHE A 183 -15.92 -4.29 -5.11
C PHE A 183 -17.16 -3.44 -5.51
N ASP A 184 -17.63 -2.74 -4.49
CA ASP A 184 -18.78 -1.83 -4.63
C ASP A 184 -18.52 -0.79 -5.71
N ALA A 185 -17.40 -0.13 -5.61
CA ALA A 185 -16.97 0.87 -6.57
C ALA A 185 -16.91 0.27 -7.99
N ALA A 186 -16.18 -0.88 -8.19
CA ALA A 186 -16.12 -1.44 -9.50
C ALA A 186 -17.50 -1.84 -10.01
N ASN A 187 -18.26 -2.48 -9.18
CA ASN A 187 -19.59 -2.93 -9.66
C ASN A 187 -20.41 -1.79 -10.26
N SER A 188 -20.38 -0.61 -9.68
CA SER A 188 -21.19 0.53 -10.17
C SER A 188 -20.60 1.03 -11.46
N MET A 189 -19.32 0.93 -11.71
CA MET A 189 -18.74 1.38 -12.96
C MET A 189 -19.06 0.33 -14.03
N LEU A 190 -19.00 -0.93 -13.66
CA LEU A 190 -19.20 -1.98 -14.68
C LEU A 190 -20.57 -1.93 -15.41
N VAL A 191 -21.62 -1.66 -14.65
CA VAL A 191 -22.94 -1.65 -15.32
C VAL A 191 -23.16 -0.39 -16.13
N GLN A 192 -22.28 0.62 -15.99
CA GLN A 192 -22.40 1.85 -16.75
C GLN A 192 -21.75 1.62 -18.12
N HIS A 193 -20.94 0.56 -18.29
CA HIS A 193 -20.26 0.28 -19.54
C HIS A 193 -20.40 -1.09 -20.17
N PRO A 194 -21.58 -1.45 -20.67
CA PRO A 194 -21.86 -2.69 -21.34
C PRO A 194 -21.04 -2.89 -22.60
N GLU A 195 -20.58 -1.78 -23.19
CA GLU A 195 -19.84 -1.79 -24.44
C GLU A 195 -18.43 -2.41 -24.26
N VAL A 196 -18.00 -2.44 -22.98
CA VAL A 196 -16.61 -2.94 -22.86
C VAL A 196 -16.49 -4.45 -22.81
N LYS A 197 -15.59 -5.00 -23.62
CA LYS A 197 -15.31 -6.43 -23.57
C LYS A 197 -14.07 -6.80 -22.72
N HIS A 198 -13.11 -5.90 -22.48
CA HIS A 198 -11.89 -6.24 -21.78
C HIS A 198 -11.53 -5.08 -20.85
N TRP A 199 -11.22 -5.41 -19.62
CA TRP A 199 -10.88 -4.37 -18.63
C TRP A 199 -9.43 -4.49 -18.10
N LEU A 200 -8.81 -3.31 -17.93
CA LEU A 200 -7.54 -3.12 -17.22
C LEU A 200 -8.04 -2.60 -15.83
N ILE A 201 -7.65 -3.17 -14.68
CA ILE A 201 -8.09 -2.67 -13.39
C ILE A 201 -6.95 -1.94 -12.72
N VAL A 202 -7.01 -0.63 -12.44
CA VAL A 202 -5.95 0.13 -11.80
C VAL A 202 -6.31 0.35 -10.32
N GLY A 203 -5.47 0.16 -9.36
CA GLY A 203 -5.93 0.38 -7.89
C GLY A 203 -4.56 0.59 -7.24
N MET A 204 -4.51 1.27 -6.10
CA MET A 204 -3.22 1.52 -5.44
C MET A 204 -2.62 0.30 -4.71
N ASN A 205 -3.38 -0.77 -4.41
CA ASN A 205 -2.77 -1.90 -3.67
C ASN A 205 -3.52 -3.20 -4.08
N ASP A 206 -2.99 -4.30 -3.62
CA ASP A 206 -3.58 -5.63 -3.92
C ASP A 206 -5.06 -5.71 -3.57
N SER A 207 -5.46 -5.23 -2.39
CA SER A 207 -6.87 -5.38 -1.99
C SER A 207 -7.81 -4.64 -2.90
N THR A 208 -7.37 -3.46 -3.35
CA THR A 208 -8.20 -2.65 -4.25
C THR A 208 -8.38 -3.31 -5.60
N VAL A 209 -7.28 -3.80 -6.11
CA VAL A 209 -7.32 -4.46 -7.41
C VAL A 209 -8.17 -5.77 -7.23
N LEU A 210 -7.97 -6.53 -6.20
CA LEU A 210 -8.71 -7.78 -6.00
C LEU A 210 -10.20 -7.52 -5.91
N GLY A 211 -10.67 -6.42 -5.24
CA GLY A 211 -12.12 -6.16 -5.17
C GLY A 211 -12.65 -5.92 -6.55
N GLY A 212 -11.90 -5.15 -7.37
CA GLY A 212 -12.23 -4.83 -8.79
C GLY A 212 -12.35 -6.13 -9.58
N VAL A 213 -11.39 -7.04 -9.45
CA VAL A 213 -11.39 -8.35 -10.12
C VAL A 213 -12.62 -9.14 -9.62
N ARG A 214 -12.87 -9.31 -8.37
CA ARG A 214 -14.07 -10.00 -7.87
C ARG A 214 -15.35 -9.45 -8.49
N ALA A 215 -15.53 -8.14 -8.61
CA ALA A 215 -16.71 -7.57 -9.28
C ALA A 215 -16.82 -7.93 -10.72
N THR A 216 -15.69 -7.95 -11.54
CA THR A 216 -15.78 -8.32 -12.95
C THR A 216 -16.23 -9.71 -13.13
N GLU A 217 -15.86 -10.59 -12.29
CA GLU A 217 -16.24 -12.01 -12.25
C GLU A 217 -17.77 -12.06 -12.07
N GLY A 218 -18.27 -11.29 -11.17
CA GLY A 218 -19.73 -11.28 -10.88
C GLY A 218 -20.55 -10.73 -12.03
N GLN A 219 -19.97 -10.02 -12.97
CA GLN A 219 -20.64 -9.45 -14.11
C GLN A 219 -20.36 -10.27 -15.38
N GLY A 220 -19.92 -11.48 -15.20
CA GLY A 220 -19.66 -12.32 -16.36
C GLY A 220 -18.40 -12.19 -17.11
N PHE A 221 -17.36 -11.55 -16.61
CA PHE A 221 -16.08 -11.54 -17.43
C PHE A 221 -15.24 -12.72 -17.05
N LYS A 222 -14.60 -13.40 -18.04
CA LYS A 222 -13.71 -14.52 -17.61
C LYS A 222 -12.37 -13.94 -17.52
N ALA A 223 -11.35 -14.55 -16.94
CA ALA A 223 -10.01 -14.18 -16.68
C ALA A 223 -9.26 -13.70 -17.91
N ALA A 224 -9.46 -14.28 -19.06
CA ALA A 224 -8.73 -13.76 -20.23
C ALA A 224 -9.06 -12.32 -20.51
N ASP A 225 -10.27 -11.84 -20.18
CA ASP A 225 -10.65 -10.49 -20.54
C ASP A 225 -10.40 -9.50 -19.43
N ILE A 226 -9.66 -9.80 -18.42
CA ILE A 226 -9.42 -8.93 -17.29
C ILE A 226 -7.95 -8.98 -16.92
N ILE A 227 -7.37 -7.78 -16.75
CA ILE A 227 -5.98 -7.74 -16.26
C ILE A 227 -5.92 -6.78 -15.08
N GLY A 228 -5.58 -7.26 -13.93
CA GLY A 228 -5.37 -6.42 -12.74
C GLY A 228 -4.01 -6.79 -12.20
N ILE A 229 -3.22 -5.76 -11.92
CA ILE A 229 -1.88 -5.95 -11.33
C ILE A 229 -1.86 -5.17 -10.02
N GLY A 230 -1.77 -5.85 -8.90
CA GLY A 230 -1.82 -5.06 -7.63
C GLY A 230 -0.48 -4.55 -7.26
N ILE A 231 -0.38 -3.90 -6.07
CA ILE A 231 0.84 -3.42 -5.45
C ILE A 231 0.92 -3.92 -4.04
N ASN A 232 1.90 -4.45 -3.44
CA ASN A 232 2.22 -4.92 -2.10
C ASN A 232 2.92 -6.30 -2.22
N GLY A 233 2.48 -7.14 -3.08
CA GLY A 233 3.04 -8.46 -3.33
C GLY A 233 2.64 -9.46 -2.32
N VAL A 234 3.06 -9.22 -1.04
CA VAL A 234 2.75 -10.19 0.04
C VAL A 234 1.26 -10.35 0.19
N ASP A 235 0.54 -9.26 -0.13
CA ASP A 235 -0.94 -9.39 0.02
C ASP A 235 -1.52 -10.24 -1.08
N ALA A 236 -0.94 -10.62 -2.19
CA ALA A 236 -1.57 -11.37 -3.26
C ALA A 236 -1.24 -12.83 -3.20
N VAL A 237 -0.54 -13.27 -2.13
CA VAL A 237 -0.06 -14.69 -2.23
C VAL A 237 -1.25 -15.62 -2.28
N SER A 238 -2.30 -15.37 -1.56
CA SER A 238 -3.42 -16.33 -1.57
C SER A 238 -4.07 -16.33 -2.94
N GLU A 239 -4.09 -15.21 -3.68
CA GLU A 239 -4.67 -15.25 -5.03
C GLU A 239 -3.84 -16.01 -6.02
N LEU A 240 -2.55 -15.75 -5.97
CA LEU A 240 -1.60 -16.37 -6.94
C LEU A 240 -1.38 -17.88 -6.74
N SER A 241 -1.65 -18.36 -5.56
CA SER A 241 -1.62 -19.70 -5.05
C SER A 241 -2.81 -20.51 -5.49
N LYS A 242 -3.88 -19.93 -5.98
CA LYS A 242 -5.09 -20.62 -6.40
C LYS A 242 -4.73 -21.57 -7.51
N ALA A 243 -5.60 -22.60 -7.67
CA ALA A 243 -5.36 -23.62 -8.74
C ALA A 243 -5.47 -22.98 -10.08
N GLN A 244 -6.60 -22.25 -10.30
CA GLN A 244 -6.86 -21.60 -11.58
C GLN A 244 -6.42 -20.16 -11.74
N ALA A 245 -6.10 -19.72 -12.93
CA ALA A 245 -5.72 -18.35 -13.18
C ALA A 245 -7.01 -17.52 -13.09
N THR A 246 -6.89 -16.30 -12.64
CA THR A 246 -7.98 -15.33 -12.52
C THR A 246 -7.63 -14.05 -13.24
N GLY A 247 -8.48 -13.05 -13.12
CA GLY A 247 -8.21 -11.71 -13.74
C GLY A 247 -7.10 -11.08 -12.93
N PHE A 248 -6.71 -11.48 -11.76
CA PHE A 248 -5.59 -10.87 -11.00
C PHE A 248 -4.28 -11.52 -11.58
N TYR A 249 -3.62 -10.77 -12.41
CA TYR A 249 -2.45 -11.29 -13.18
C TYR A 249 -1.22 -11.33 -12.35
N GLY A 250 -1.00 -10.40 -11.49
CA GLY A 250 0.34 -10.43 -10.72
C GLY A 250 0.27 -9.20 -9.81
N SER A 251 1.34 -8.99 -9.07
CA SER A 251 1.41 -7.90 -8.11
C SER A 251 2.81 -7.28 -8.16
N LEU A 252 2.96 -5.99 -7.85
CA LEU A 252 4.31 -5.38 -7.77
C LEU A 252 4.75 -5.50 -6.31
N LEU A 253 5.77 -6.26 -6.05
CA LEU A 253 6.34 -6.49 -4.75
C LEU A 253 7.39 -5.44 -4.34
N PRO A 254 7.07 -4.53 -3.48
CA PRO A 254 8.02 -3.54 -2.87
C PRO A 254 8.77 -4.15 -1.74
N SER A 255 9.17 -3.35 -0.74
CA SER A 255 9.97 -3.87 0.38
C SER A 255 9.49 -3.56 1.78
N PRO A 256 8.40 -4.21 2.20
CA PRO A 256 7.81 -4.00 3.54
C PRO A 256 8.80 -4.38 4.60
N ASP A 257 9.72 -5.35 4.32
CA ASP A 257 10.77 -5.80 5.19
C ASP A 257 11.68 -4.58 5.48
N VAL A 258 12.17 -3.89 4.45
CA VAL A 258 12.98 -2.68 4.59
C VAL A 258 12.23 -1.59 5.41
N HIS A 259 10.96 -1.39 5.05
CA HIS A 259 10.11 -0.36 5.78
C HIS A 259 10.02 -0.74 7.24
N GLY A 260 9.77 -1.97 7.70
CA GLY A 260 9.69 -2.37 9.07
C GLY A 260 10.99 -2.28 9.84
N TYR A 261 12.08 -2.84 9.26
CA TYR A 261 13.40 -2.76 9.96
C TYR A 261 14.00 -1.37 10.02
N LYS A 262 14.04 -0.71 8.87
CA LYS A 262 14.70 0.57 8.80
C LYS A 262 13.97 1.62 9.61
N SER A 263 12.65 1.68 9.51
CA SER A 263 12.01 2.76 10.39
C SER A 263 12.29 2.50 11.83
N SER A 264 12.25 1.29 12.36
CA SER A 264 12.49 0.86 13.70
C SER A 264 13.92 1.15 14.13
N GLU A 265 14.83 0.73 13.21
CA GLU A 265 16.26 0.99 13.52
C GLU A 265 16.57 2.44 13.66
N MET A 266 16.06 3.33 12.81
CA MET A 266 16.25 4.75 12.79
C MET A 266 15.60 5.34 14.07
N LEU A 267 14.41 4.89 14.49
CA LEU A 267 13.73 5.39 15.69
C LEU A 267 14.64 5.14 16.90
N TYR A 268 15.08 3.88 16.97
CA TYR A 268 15.99 3.43 18.03
C TYR A 268 17.22 4.33 18.15
N ASN A 269 17.95 4.54 17.09
CA ASN A 269 19.15 5.35 17.05
C ASN A 269 18.79 6.80 17.48
N TRP A 270 17.58 7.19 17.15
CA TRP A 270 17.13 8.56 17.49
C TRP A 270 16.90 8.62 18.98
N VAL A 271 16.16 7.63 19.48
CA VAL A 271 15.83 7.62 20.91
C VAL A 271 17.07 7.41 21.81
N ALA A 272 17.89 6.46 21.43
CA ALA A 272 19.06 5.99 22.15
C ALA A 272 20.30 6.84 21.95
N LYS A 273 20.50 7.59 20.90
CA LYS A 273 21.70 8.37 20.67
C LYS A 273 21.40 9.73 20.07
N ASP A 274 20.19 10.25 20.11
CA ASP A 274 19.82 11.51 19.47
C ASP A 274 20.45 11.52 18.06
N VAL A 275 20.44 10.39 17.39
CA VAL A 275 20.90 10.40 15.98
C VAL A 275 19.62 10.73 15.19
N GLU A 276 19.55 11.89 14.59
CA GLU A 276 18.45 12.42 13.83
C GLU A 276 18.24 11.74 12.50
N PRO A 277 17.06 11.19 12.26
CA PRO A 277 16.83 10.57 10.95
C PRO A 277 16.75 11.50 9.79
N PRO A 278 17.02 11.02 8.59
CA PRO A 278 16.78 11.84 7.38
C PRO A 278 15.32 12.15 7.41
N LYS A 279 14.80 13.20 6.85
CA LYS A 279 13.43 13.54 6.86
C LYS A 279 12.61 12.68 5.91
N PHE A 280 13.27 12.22 4.83
CA PHE A 280 12.49 11.48 3.80
C PHE A 280 13.31 10.31 3.31
N THR A 281 12.81 9.07 3.45
CA THR A 281 13.52 7.87 2.99
C THR A 281 12.60 7.22 1.92
N GLU A 282 12.95 7.28 0.67
CA GLU A 282 12.10 6.71 -0.41
C GLU A 282 12.72 5.40 -0.88
N VAL A 283 11.98 4.29 -0.80
CA VAL A 283 12.49 2.95 -1.14
C VAL A 283 11.96 2.64 -2.52
N THR A 284 12.92 2.35 -3.41
CA THR A 284 12.50 2.19 -4.86
C THR A 284 12.38 0.77 -5.37
N ASP A 285 12.72 -0.20 -4.58
CA ASP A 285 12.72 -1.62 -4.90
C ASP A 285 11.31 -2.05 -5.41
N VAL A 286 11.39 -2.86 -6.46
CA VAL A 286 10.09 -3.41 -7.01
C VAL A 286 10.33 -4.59 -7.94
N VAL A 287 9.53 -5.58 -7.78
CA VAL A 287 9.63 -6.73 -8.69
C VAL A 287 8.21 -7.16 -9.06
N LEU A 288 8.03 -7.60 -10.29
CA LEU A 288 6.68 -8.07 -10.64
C LEU A 288 6.59 -9.54 -10.36
N ILE A 289 5.67 -9.98 -9.53
CA ILE A 289 5.41 -11.38 -9.19
C ILE A 289 4.05 -11.81 -9.85
N THR A 290 4.13 -13.03 -10.42
CA THR A 290 2.98 -13.59 -11.13
C THR A 290 2.77 -14.99 -10.65
N ARG A 291 1.91 -15.75 -11.35
CA ARG A 291 1.69 -17.15 -10.96
C ARG A 291 2.99 -17.93 -11.11
N ASP A 292 3.71 -17.58 -12.14
CA ASP A 292 4.98 -18.34 -12.44
C ASP A 292 6.15 -18.08 -11.51
N ASN A 293 6.31 -16.87 -10.97
CA ASN A 293 7.58 -16.71 -10.16
C ASN A 293 7.37 -16.28 -8.76
N PHE A 294 6.11 -16.17 -8.29
CA PHE A 294 5.95 -15.58 -6.94
C PHE A 294 6.72 -16.35 -5.90
N LYS A 295 6.72 -17.67 -5.89
CA LYS A 295 7.41 -18.34 -4.76
C LYS A 295 8.94 -18.11 -4.82
N GLU A 296 9.59 -18.16 -5.95
CA GLU A 296 11.01 -17.90 -6.10
C GLU A 296 11.31 -16.44 -5.57
N GLU A 297 10.60 -15.47 -6.12
CA GLU A 297 10.79 -14.07 -5.68
C GLU A 297 10.52 -13.89 -4.21
N LEU A 298 9.49 -14.41 -3.59
CA LEU A 298 9.37 -14.14 -2.13
C LEU A 298 10.51 -14.79 -1.37
N GLU A 299 10.85 -16.01 -1.79
CA GLU A 299 11.91 -16.71 -1.04
C GLU A 299 13.20 -15.93 -1.24
N LYS A 300 13.48 -15.46 -2.43
CA LYS A 300 14.69 -14.66 -2.63
C LYS A 300 14.69 -13.44 -1.66
N LYS A 301 13.55 -12.84 -1.39
CA LYS A 301 13.56 -11.66 -0.49
C LYS A 301 13.48 -12.10 0.95
N GLY A 302 13.50 -13.35 1.29
CA GLY A 302 13.38 -13.72 2.72
C GLY A 302 11.99 -13.60 3.27
N LEU A 303 10.98 -13.53 2.40
CA LEU A 303 9.56 -13.46 2.81
C LEU A 303 8.89 -14.79 2.52
N GLY A 304 9.64 -15.86 2.69
CA GLY A 304 9.43 -17.26 2.53
C GLY A 304 8.11 -17.86 3.00
N GLY A 305 7.68 -18.82 2.20
CA GLY A 305 6.43 -19.60 2.29
C GLY A 305 5.62 -19.22 1.01
N LYS A 306 5.17 -20.23 0.29
CA LYS A 306 4.39 -19.99 -0.97
C LYS A 306 3.78 -21.37 -1.33
C1 FCA B . -0.68 2.46 1.80
C2 FCA B . -1.52 1.22 1.59
C3 FCA B . -0.86 -0.05 1.93
C4 FCA B . 0.48 -0.22 1.16
C5 FCA B . 1.35 1.01 1.49
C6 FCA B . 2.57 1.16 0.57
O1 FCA B . -0.57 2.74 3.15
O2 FCA B . -2.74 1.37 2.40
O3 FCA B . -1.69 -1.15 1.60
O4 FCA B . 0.27 -0.41 -0.24
O5 FCA B . 0.65 2.23 1.28
C1 FCB C . -0.47 2.25 2.27
C2 FCB C . -1.46 1.20 1.83
C3 FCB C . -0.91 -0.04 2.01
C4 FCB C . 0.47 -0.29 1.24
C5 FCB C . 1.42 0.83 1.67
C6 FCB C . 2.65 1.02 0.77
O1 FCB C . -0.98 3.54 1.96
O2 FCB C . -2.58 1.28 2.72
O3 FCB C . -1.73 -1.22 1.56
O4 FCB C . 0.23 -0.17 -0.18
O5 FCB C . 0.76 2.11 1.57
#